data_4NN7
#
_entry.id   4NN7
#
_cell.length_a   35.789
_cell.length_b   50.105
_cell.length_c   249.864
_cell.angle_alpha   90.00
_cell.angle_beta   90.00
_cell.angle_gamma   90.00
#
_symmetry.space_group_name_H-M   'P 21 21 21'
#
loop_
_entity.id
_entity.type
_entity.pdbx_description
1 polymer 'Thymic stromal lymphopoietin'
2 polymer 'Interleukin-7 receptor subunit alpha'
3 polymer 'Cytokine receptor-like factor 2'
#
loop_
_entity_poly.entity_id
_entity_poly.type
_entity_poly.pdbx_seq_one_letter_code
_entity_poly.pdbx_strand_id
1 'polypeptide(L)'
;YNFSNCNFTSITKIYCNIIFHDLTGDLKGAKFEQIEDCESKPACLLKIEYYTLNPIPGCPSLPDKTFARRTREALNDHCP
GYPETERNDGTQEMAQEVQNICLQQTSQILRLWYSFMQSPEGTKHHHHHH
;
A
2 'polypeptide(L)'
;GSHMESGNAQDGDLEDADADDHSFWCHSQLEVDGSQHLLTCAFNDSDINTANLEFQICGALLRVKCLTLNKLQDIYFIKT
SEFLLIGSSNICVKLGQKNLTCKNMAINTIVKAEAPSDLKVVYRKEANDFLVTFNAPHLKKKYLKKVKHDVAYRPARGES
NWTHVSLFHTRTTIPQRKLRPKAMYEIKVRSIPHNDYFKGFWSEWSPSSTFETPEPKNQGGWD
;
B
3 'polypeptide(L)'
;AAAVTSRGDVTVVCHDLETVEVTWGSGPDHHGAQLSLEFRYGTGALQPCPRYFLSGAGVTSGCILPAARAGLLELALRDG
GGAMVFKARQRASAWLKPRPPWNVTLLWTPDGDVTVSWPAHSYLGLDYEVQHRESNDDEDAWQTTSGPCCDLTVGGLDPV
RCYDFRVRASPRAAHYGLEAQPSEWTAVTRLSGAASAASCTASGTKHHHHHH
;
C
#
# COMPACT_ATOMS: atom_id res chain seq x y z
N TYR A 1 2.80 -9.15 29.84
CA TYR A 1 3.95 -9.00 28.94
C TYR A 1 4.19 -7.53 28.61
N ASN A 2 5.45 -7.18 28.35
CA ASN A 2 5.81 -5.83 27.96
C ASN A 2 6.26 -5.82 26.50
N PHE A 3 5.48 -5.14 25.68
CA PHE A 3 5.67 -5.15 24.23
C PHE A 3 6.79 -4.21 23.80
N SER A 4 7.46 -3.62 24.78
CA SER A 4 8.50 -2.64 24.54
C SER A 4 9.74 -3.21 23.87
N ASN A 5 9.89 -4.54 23.92
CA ASN A 5 11.06 -5.20 23.34
C ASN A 5 10.77 -5.72 21.95
N CYS A 6 9.54 -5.50 21.49
CA CYS A 6 9.10 -5.95 20.17
C CYS A 6 9.87 -5.24 19.07
N ASN A 7 10.07 -5.90 17.94
CA ASN A 7 10.62 -5.24 16.77
C ASN A 7 9.48 -4.50 16.07
N PHE A 8 9.33 -3.23 16.39
CA PHE A 8 8.21 -2.43 15.91
C PHE A 8 8.31 -2.15 14.42
N THR A 9 9.51 -2.15 13.89
CA THR A 9 9.71 -1.85 12.49
C THR A 9 9.14 -2.97 11.64
N SER A 10 9.47 -4.20 12.01
CA SER A 10 8.94 -5.37 11.34
C SER A 10 7.42 -5.44 11.49
N ILE A 11 6.94 -5.20 12.71
CA ILE A 11 5.52 -5.27 12.99
C ILE A 11 4.75 -4.23 12.20
N THR A 12 5.31 -3.03 12.08
CA THR A 12 4.69 -1.96 11.31
C THR A 12 4.49 -2.35 9.86
N LYS A 13 5.52 -3.00 9.30
CA LYS A 13 5.49 -3.39 7.91
C LYS A 13 4.44 -4.45 7.67
N ILE A 14 4.30 -5.34 8.64
CA ILE A 14 3.28 -6.38 8.58
C ILE A 14 1.88 -5.79 8.64
N TYR A 15 1.66 -4.88 9.56
CA TYR A 15 0.38 -4.20 9.66
C TYR A 15 0.01 -3.42 8.40
N CYS A 16 0.92 -2.59 7.93
CA CYS A 16 0.63 -1.68 6.83
C CYS A 16 0.29 -2.42 5.55
N ASN A 17 0.99 -3.53 5.34
CA ASN A 17 0.91 -4.26 4.08
C ASN A 17 -0.03 -5.45 4.10
N ILE A 18 -0.44 -5.89 5.30
CA ILE A 18 -1.34 -7.03 5.41
C ILE A 18 -2.52 -6.79 6.35
N ILE A 19 -2.24 -6.65 7.64
CA ILE A 19 -3.28 -6.66 8.66
C ILE A 19 -4.26 -5.52 8.43
N PHE A 20 -3.73 -4.36 8.06
CA PHE A 20 -4.55 -3.20 7.77
C PHE A 20 -5.62 -3.48 6.72
N HIS A 21 -5.21 -4.14 5.64
CA HIS A 21 -6.14 -4.47 4.57
C HIS A 21 -7.19 -5.47 5.03
N ASP A 22 -6.80 -6.37 5.92
CA ASP A 22 -7.72 -7.37 6.46
C ASP A 22 -8.80 -6.71 7.32
N LEU A 23 -8.40 -5.74 8.13
CA LEU A 23 -9.33 -5.06 9.03
C LEU A 23 -10.35 -4.27 8.23
N THR A 24 -9.87 -3.46 7.31
CA THR A 24 -10.74 -2.62 6.50
C THR A 24 -11.66 -3.48 5.63
N GLY A 25 -11.15 -4.60 5.17
CA GLY A 25 -11.93 -5.54 4.39
C GLY A 25 -13.12 -6.11 5.14
N ASP A 26 -12.92 -6.40 6.42
CA ASP A 26 -13.98 -6.96 7.25
C ASP A 26 -15.01 -5.91 7.62
N LEU A 27 -14.56 -4.67 7.80
CA LEU A 27 -15.44 -3.59 8.26
C LEU A 27 -16.35 -3.11 7.13
N LYS A 28 -15.85 -3.20 5.90
CA LYS A 28 -16.63 -2.79 4.72
C LYS A 28 -17.29 -1.42 4.83
N GLY A 29 -16.58 -0.45 5.37
CA GLY A 29 -17.07 0.91 5.43
C GLY A 29 -17.79 1.23 6.72
N ALA A 30 -18.19 0.19 7.45
CA ALA A 30 -18.83 0.37 8.75
C ALA A 30 -17.86 1.05 9.69
N LYS A 31 -18.34 1.98 10.50
CA LYS A 31 -17.47 2.64 11.47
C LYS A 31 -18.21 3.02 12.75
N PHE A 32 -17.43 3.18 13.81
CA PHE A 32 -17.95 3.50 15.13
C PHE A 32 -17.04 4.52 15.79
N GLU A 33 -17.56 5.21 16.80
CA GLU A 33 -16.76 6.14 17.59
C GLU A 33 -15.78 5.26 18.36
N GLN A 34 -14.55 5.72 18.60
CA GLN A 34 -13.63 4.87 19.31
C GLN A 34 -13.91 4.95 20.80
N ILE A 35 -13.32 4.05 21.56
CA ILE A 35 -13.55 3.99 23.00
C ILE A 35 -12.31 4.31 23.81
N GLU A 36 -11.23 3.60 23.53
CA GLU A 36 -9.98 3.79 24.25
C GLU A 36 -8.90 4.19 23.26
N ASP A 37 -7.89 4.87 23.79
CA ASP A 37 -6.76 5.29 22.98
C ASP A 37 -5.49 4.83 23.67
N CYS A 38 -4.34 5.16 23.09
CA CYS A 38 -3.04 4.81 23.64
C CYS A 38 -2.05 5.88 23.25
N GLU A 39 -0.98 6.05 24.02
CA GLU A 39 -0.07 7.17 23.81
C GLU A 39 1.36 6.70 23.58
N SER A 40 1.57 5.38 23.58
CA SER A 40 2.88 4.81 23.25
C SER A 40 2.69 3.51 22.48
N LYS A 41 3.69 3.17 21.65
CA LYS A 41 3.63 1.97 20.84
C LYS A 41 3.47 0.71 21.69
N PRO A 42 4.28 0.56 22.75
CA PRO A 42 4.14 -0.62 23.59
C PRO A 42 2.76 -0.69 24.23
N ALA A 43 2.27 0.46 24.66
CA ALA A 43 0.97 0.54 25.30
C ALA A 43 -0.14 0.27 24.29
N CYS A 44 0.06 0.71 23.05
CA CYS A 44 -0.93 0.47 22.01
C CYS A 44 -0.98 -1.00 21.66
N LEU A 45 0.19 -1.62 21.58
CA LEU A 45 0.29 -3.03 21.26
C LEU A 45 -0.41 -3.84 22.34
N LEU A 46 -0.25 -3.40 23.59
CA LEU A 46 -0.92 -4.03 24.72
C LEU A 46 -2.43 -4.04 24.55
N LYS A 47 -3.01 -2.89 24.23
CA LYS A 47 -4.43 -2.81 24.00
C LYS A 47 -4.82 -3.65 22.79
N ILE A 48 -4.05 -3.53 21.72
CA ILE A 48 -4.32 -4.26 20.49
C ILE A 48 -4.36 -5.77 20.73
N GLU A 49 -3.34 -6.29 21.41
CA GLU A 49 -3.26 -7.71 21.70
C GLU A 49 -4.47 -8.18 22.49
N TYR A 50 -4.86 -7.38 23.48
CA TYR A 50 -5.95 -7.75 24.36
C TYR A 50 -7.29 -7.76 23.64
N TYR A 51 -7.55 -6.69 22.91
CA TYR A 51 -8.78 -6.59 22.13
C TYR A 51 -8.86 -7.63 21.02
N THR A 52 -7.72 -7.98 20.45
CA THR A 52 -7.69 -8.79 19.23
C THR A 52 -7.79 -10.29 19.52
N LEU A 53 -7.12 -10.73 20.60
CA LEU A 53 -6.89 -12.15 20.82
C LEU A 53 -7.68 -12.75 21.99
N ASN A 54 -8.41 -11.91 22.73
CA ASN A 54 -9.28 -12.43 23.76
C ASN A 54 -10.71 -12.40 23.23
N PRO A 55 -11.36 -13.57 23.15
CA PRO A 55 -12.73 -13.57 22.59
C PRO A 55 -13.73 -12.86 23.49
N ILE A 56 -14.78 -12.30 22.90
CA ILE A 56 -15.82 -11.64 23.69
C ILE A 56 -17.20 -12.19 23.35
N PRO A 57 -18.15 -12.12 24.29
CA PRO A 57 -19.55 -12.52 24.07
C PRO A 57 -20.17 -11.83 22.87
N GLY A 58 -20.71 -12.61 21.94
CA GLY A 58 -21.37 -12.08 20.76
C GLY A 58 -20.45 -12.16 19.57
N CYS A 59 -19.16 -12.39 19.85
CA CYS A 59 -18.17 -12.56 18.81
C CYS A 59 -17.07 -13.48 19.33
N PRO A 60 -17.42 -14.75 19.57
CA PRO A 60 -16.46 -15.71 20.10
C PRO A 60 -15.35 -16.01 19.10
N SER A 61 -15.65 -15.81 17.83
CA SER A 61 -14.76 -16.19 16.75
C SER A 61 -13.72 -15.13 16.41
N LEU A 62 -13.74 -14.02 17.14
CA LEU A 62 -12.87 -12.90 16.81
C LEU A 62 -11.40 -13.35 16.73
N PRO A 63 -10.91 -14.07 17.76
CA PRO A 63 -9.51 -14.49 17.71
C PRO A 63 -9.21 -15.44 16.54
N ASP A 64 -10.23 -15.93 15.86
CA ASP A 64 -10.06 -16.87 14.75
C ASP A 64 -10.14 -16.17 13.39
N LYS A 65 -10.52 -14.90 13.41
CA LYS A 65 -10.57 -14.10 12.19
C LYS A 65 -9.18 -13.96 11.59
N THR A 66 -9.11 -13.79 10.28
CA THR A 66 -7.84 -13.75 9.57
C THR A 66 -6.91 -12.68 10.09
N PHE A 67 -7.46 -11.49 10.31
CA PHE A 67 -6.67 -10.37 10.78
C PHE A 67 -6.10 -10.68 12.16
N ALA A 68 -6.87 -11.44 12.93
CA ALA A 68 -6.50 -11.82 14.30
C ALA A 68 -5.39 -12.86 14.32
N ARG A 69 -5.52 -13.89 13.48
CA ARG A 69 -4.49 -14.92 13.39
C ARG A 69 -3.15 -14.34 12.98
N ARG A 70 -3.16 -13.36 12.08
CA ARG A 70 -1.92 -12.77 11.60
C ARG A 70 -1.27 -11.92 12.68
N THR A 71 -2.11 -11.23 13.44
CA THR A 71 -1.63 -10.45 14.58
C THR A 71 -0.90 -11.31 15.60
N ARG A 72 -1.51 -12.44 15.98
CA ARG A 72 -0.89 -13.34 16.94
C ARG A 72 0.49 -13.77 16.46
N GLU A 73 0.56 -14.08 15.18
CA GLU A 73 1.77 -14.59 14.59
C GLU A 73 2.85 -13.51 14.51
N ALA A 74 2.41 -12.29 14.22
CA ALA A 74 3.33 -11.17 14.12
C ALA A 74 4.01 -10.90 15.46
N LEU A 75 3.25 -10.98 16.54
CA LEU A 75 3.83 -10.74 17.86
C LEU A 75 4.77 -11.87 18.24
N ASN A 76 4.35 -13.11 18.04
CA ASN A 76 5.18 -14.26 18.31
C ASN A 76 6.52 -14.18 17.60
N ASP A 77 6.48 -13.81 16.34
CA ASP A 77 7.65 -13.76 15.47
C ASP A 77 8.59 -12.58 15.72
N HIS A 78 8.04 -11.50 16.28
CA HIS A 78 8.75 -10.23 16.37
C HIS A 78 8.80 -9.63 17.77
N CYS A 79 8.30 -10.36 18.75
CA CYS A 79 8.42 -9.90 20.12
C CYS A 79 9.07 -11.01 20.95
N PRO A 80 10.14 -10.66 21.68
CA PRO A 80 10.82 -11.61 22.57
C PRO A 80 9.93 -12.27 23.61
N GLY A 81 10.04 -13.59 23.73
CA GLY A 81 9.40 -14.32 24.81
C GLY A 81 7.89 -14.19 24.88
N TYR A 82 7.27 -13.69 23.83
CA TYR A 82 5.82 -13.55 23.83
C TYR A 82 5.16 -14.93 23.85
N PRO A 83 4.20 -15.16 24.78
CA PRO A 83 3.51 -16.45 24.82
C PRO A 83 2.82 -16.81 23.51
N GLU A 97 -23.63 -15.47 18.32
CA GLU A 97 -22.65 -14.55 17.76
C GLU A 97 -23.33 -13.43 16.97
N VAL A 98 -23.06 -12.19 17.35
CA VAL A 98 -23.59 -11.02 16.66
C VAL A 98 -22.51 -10.33 15.83
N GLN A 99 -22.74 -10.23 14.53
CA GLN A 99 -21.75 -9.68 13.60
C GLN A 99 -21.44 -8.22 13.92
N ASN A 100 -22.46 -7.50 14.38
CA ASN A 100 -22.30 -6.09 14.70
C ASN A 100 -21.29 -5.90 15.83
N ILE A 101 -21.23 -6.89 16.71
CA ILE A 101 -20.27 -6.86 17.81
C ILE A 101 -18.87 -7.07 17.26
N CYS A 102 -18.73 -8.02 16.34
CA CYS A 102 -17.46 -8.28 15.69
C CYS A 102 -16.93 -7.02 15.03
N LEU A 103 -17.81 -6.35 14.27
CA LEU A 103 -17.44 -5.13 13.59
C LEU A 103 -17.03 -4.04 14.56
N GLN A 104 -17.81 -3.89 15.63
CA GLN A 104 -17.52 -2.87 16.62
C GLN A 104 -16.12 -3.04 17.18
N GLN A 105 -15.79 -4.27 17.55
CA GLN A 105 -14.47 -4.55 18.11
C GLN A 105 -13.39 -4.35 17.06
N THR A 106 -13.69 -4.75 15.83
CA THR A 106 -12.76 -4.61 14.73
C THR A 106 -12.46 -3.14 14.47
N SER A 107 -13.49 -2.30 14.58
CA SER A 107 -13.30 -0.87 14.41
C SER A 107 -12.41 -0.31 15.50
N GLN A 108 -12.61 -0.77 16.72
CA GLN A 108 -11.79 -0.34 17.83
C GLN A 108 -10.33 -0.72 17.60
N ILE A 109 -10.13 -1.94 17.11
CA ILE A 109 -8.78 -2.47 16.95
C ILE A 109 -8.05 -1.66 15.89
N LEU A 110 -8.74 -1.41 14.79
CA LEU A 110 -8.17 -0.64 13.68
C LEU A 110 -7.73 0.74 14.13
N ARG A 111 -8.53 1.37 14.97
CA ARG A 111 -8.22 2.70 15.45
C ARG A 111 -7.06 2.68 16.44
N LEU A 112 -6.90 1.56 17.14
CA LEU A 112 -5.73 1.39 17.99
C LEU A 112 -4.46 1.25 17.16
N TRP A 113 -4.57 0.61 16.02
CA TRP A 113 -3.45 0.56 15.10
C TRP A 113 -3.05 1.95 14.64
N TYR A 114 -4.03 2.81 14.37
CA TYR A 114 -3.73 4.17 13.96
C TYR A 114 -2.96 4.91 15.04
N SER A 115 -3.39 4.74 16.28
CA SER A 115 -2.69 5.32 17.42
C SER A 115 -1.29 4.76 17.56
N PHE A 116 -1.16 3.46 17.35
CA PHE A 116 0.15 2.81 17.37
C PHE A 116 1.06 3.49 16.35
N MET A 117 0.54 3.75 15.16
CA MET A 117 1.37 4.27 14.08
C MET A 117 1.82 5.69 14.41
N GLN A 118 0.96 6.41 15.12
CA GLN A 118 1.20 7.82 15.42
C GLN A 118 1.96 8.04 16.72
N SER A 119 2.14 6.98 17.51
CA SER A 119 2.77 7.09 18.83
C SER A 119 4.28 6.88 18.75
N PRO A 120 5.03 7.47 19.69
CA PRO A 120 6.48 7.25 19.78
C PRO A 120 6.87 5.87 20.32
N GLU A 121 8.07 5.41 19.97
CA GLU A 121 8.58 4.15 20.47
C GLU A 121 8.99 4.25 21.93
N HIS B 22 17.97 -33.18 -5.76
CA HIS B 22 16.54 -32.96 -5.84
C HIS B 22 16.18 -31.51 -5.56
N SER B 23 17.14 -30.61 -5.80
CA SER B 23 16.98 -29.19 -5.52
C SER B 23 15.86 -28.54 -6.34
N PHE B 24 15.25 -27.51 -5.77
CA PHE B 24 14.08 -26.86 -6.37
C PHE B 24 14.10 -25.35 -6.12
N TRP B 25 13.28 -24.64 -6.88
CA TRP B 25 13.07 -23.21 -6.68
C TRP B 25 11.59 -22.96 -6.45
N CYS B 26 11.25 -21.84 -5.83
CA CYS B 26 9.86 -21.45 -5.66
C CYS B 26 9.69 -19.95 -5.83
N HIS B 27 8.54 -19.55 -6.38
CA HIS B 27 8.15 -18.16 -6.35
C HIS B 27 6.66 -18.05 -6.14
N SER B 28 6.26 -16.93 -5.52
CA SER B 28 4.86 -16.65 -5.22
C SER B 28 4.32 -15.52 -6.10
N GLN B 29 3.00 -15.43 -6.22
CA GLN B 29 2.37 -14.33 -6.92
C GLN B 29 1.08 -13.95 -6.19
N LEU B 30 0.96 -12.68 -5.85
CA LEU B 30 -0.12 -12.19 -5.00
C LEU B 30 -1.34 -11.76 -5.80
N GLU B 31 -2.50 -12.20 -5.34
CA GLU B 31 -3.77 -11.70 -5.88
C GLU B 31 -3.86 -12.00 -7.36
N VAL B 32 -3.84 -13.27 -7.69
CA VAL B 32 -3.72 -13.71 -9.06
C VAL B 32 -5.07 -13.58 -9.77
N ASP B 33 -6.05 -14.34 -9.28
CA ASP B 33 -7.39 -14.35 -9.86
C ASP B 33 -8.44 -13.97 -8.83
N GLY B 34 -8.13 -12.97 -8.00
CA GLY B 34 -8.98 -12.57 -6.91
C GLY B 34 -8.19 -12.14 -5.69
N SER B 35 -8.69 -12.49 -4.50
CA SER B 35 -7.99 -12.17 -3.27
C SER B 35 -6.99 -13.26 -2.91
N GLN B 36 -7.02 -14.35 -3.67
CA GLN B 36 -6.18 -15.51 -3.39
C GLN B 36 -4.78 -15.31 -3.93
N HIS B 37 -3.81 -16.00 -3.31
CA HIS B 37 -2.42 -15.88 -3.69
C HIS B 37 -1.93 -17.20 -4.29
N LEU B 38 -0.88 -17.13 -5.12
CA LEU B 38 -0.36 -18.29 -5.82
C LEU B 38 1.08 -18.60 -5.46
N LEU B 39 1.34 -19.88 -5.16
CA LEU B 39 2.69 -20.38 -4.95
C LEU B 39 3.06 -21.38 -6.02
N THR B 40 4.21 -21.17 -6.64
CA THR B 40 4.70 -22.06 -7.69
C THR B 40 6.11 -22.54 -7.37
N CYS B 41 6.32 -23.85 -7.46
CA CYS B 41 7.65 -24.45 -7.33
C CYS B 41 7.94 -25.45 -8.44
N ALA B 42 9.22 -25.64 -8.74
CA ALA B 42 9.67 -26.65 -9.71
C ALA B 42 11.12 -27.02 -9.45
N PHE B 43 11.51 -28.21 -9.93
CA PHE B 43 12.89 -28.68 -9.79
C PHE B 43 13.79 -27.93 -10.75
N ASN B 44 15.04 -27.72 -10.36
CA ASN B 44 16.03 -27.10 -11.25
C ASN B 44 16.36 -28.02 -12.39
N ASP B 45 16.66 -29.26 -12.03
CA ASP B 45 16.99 -30.27 -13.00
C ASP B 45 15.73 -30.87 -13.59
N SER B 46 15.48 -30.57 -14.86
CA SER B 46 14.64 -31.42 -15.69
C SER B 46 15.45 -32.70 -15.92
N ASP B 47 15.08 -33.50 -16.91
CA ASP B 47 15.73 -34.80 -17.09
C ASP B 47 15.70 -35.57 -15.76
N ILE B 48 14.70 -35.22 -14.96
CA ILE B 48 14.47 -35.84 -13.66
C ILE B 48 13.10 -36.44 -13.77
N ASN B 49 12.74 -37.29 -12.83
CA ASN B 49 11.43 -37.89 -12.86
C ASN B 49 10.73 -37.54 -11.56
N THR B 50 9.51 -37.06 -11.71
CA THR B 50 8.67 -36.73 -10.58
C THR B 50 7.90 -37.96 -10.15
N ALA B 51 8.58 -39.09 -10.14
CA ALA B 51 7.96 -40.36 -9.81
C ALA B 51 7.36 -40.29 -8.42
N ASN B 52 6.06 -40.04 -8.34
CA ASN B 52 5.35 -40.11 -7.08
C ASN B 52 5.88 -39.09 -6.06
N LEU B 53 6.61 -38.10 -6.54
CA LEU B 53 7.17 -37.06 -5.68
C LEU B 53 6.13 -35.95 -5.52
N GLU B 54 6.05 -35.41 -4.31
CA GLU B 54 5.11 -34.33 -3.97
C GLU B 54 5.77 -33.17 -3.25
N PHE B 55 5.19 -31.98 -3.43
CA PHE B 55 5.62 -30.78 -2.71
C PHE B 55 4.62 -30.44 -1.63
N GLN B 56 5.15 -30.23 -0.44
CA GLN B 56 4.35 -29.87 0.71
C GLN B 56 4.89 -28.61 1.39
N ILE B 57 3.98 -27.70 1.71
CA ILE B 57 4.33 -26.49 2.44
C ILE B 57 3.62 -26.51 3.79
N CYS B 58 4.38 -26.28 4.86
CA CYS B 58 3.83 -26.26 6.20
C CYS B 58 4.26 -25.01 6.96
N GLY B 59 3.33 -24.46 7.74
CA GLY B 59 3.63 -23.30 8.56
C GLY B 59 3.26 -22.00 7.88
N ALA B 60 2.92 -21.02 8.70
CA ALA B 60 2.53 -19.69 8.23
C ALA B 60 1.30 -19.74 7.34
N LEU B 61 0.37 -20.65 7.65
CA LEU B 61 -0.90 -20.69 6.95
C LEU B 61 -2.04 -20.33 7.89
N LEU B 62 -3.13 -19.83 7.32
CA LEU B 62 -4.23 -19.28 8.11
C LEU B 62 -5.14 -20.32 8.75
N ARG B 63 -5.69 -21.20 7.92
CA ARG B 63 -6.75 -22.11 8.37
C ARG B 63 -6.31 -23.57 8.37
N VAL B 64 -5.18 -23.87 7.74
CA VAL B 64 -4.70 -25.24 7.64
C VAL B 64 -3.30 -25.33 8.19
N LYS B 65 -2.83 -26.53 8.51
CA LYS B 65 -1.47 -26.68 9.03
C LYS B 65 -0.46 -26.69 7.90
N CYS B 66 -0.80 -27.42 6.83
CA CYS B 66 0.07 -27.60 5.67
C CYS B 66 -0.78 -27.66 4.41
N LEU B 67 -0.15 -27.44 3.25
CA LEU B 67 -0.80 -27.72 1.97
C LEU B 67 0.11 -28.49 1.02
N THR B 68 -0.52 -29.33 0.19
CA THR B 68 0.18 -30.07 -0.85
C THR B 68 -0.17 -29.49 -2.22
N LEU B 69 0.86 -29.19 -2.99
CA LEU B 69 0.67 -28.56 -4.30
C LEU B 69 0.13 -29.54 -5.33
N ASN B 70 -0.52 -29.00 -6.34
CA ASN B 70 -1.09 -29.80 -7.42
C ASN B 70 -0.12 -29.84 -8.58
N LYS B 71 0.16 -31.05 -9.08
CA LYS B 71 1.14 -31.20 -10.14
C LYS B 71 0.49 -30.93 -11.49
N LEU B 72 1.18 -30.14 -12.30
CA LEU B 72 0.79 -29.89 -13.68
C LEU B 72 2.04 -29.93 -14.54
N GLN B 73 2.16 -30.98 -15.32
CA GLN B 73 3.35 -31.21 -16.12
C GLN B 73 4.62 -31.16 -15.26
N ASP B 74 5.51 -30.23 -15.56
CA ASP B 74 6.81 -30.17 -14.89
C ASP B 74 6.85 -29.19 -13.72
N ILE B 75 5.69 -28.72 -13.28
CA ILE B 75 5.63 -27.76 -12.19
C ILE B 75 4.53 -28.07 -11.17
N TYR B 76 4.71 -27.52 -9.97
CA TYR B 76 3.77 -27.72 -8.87
C TYR B 76 3.26 -26.36 -8.42
N PHE B 77 1.96 -26.27 -8.12
CA PHE B 77 1.35 -25.00 -7.74
C PHE B 77 0.19 -25.16 -6.79
N ILE B 78 -0.09 -24.10 -6.03
CA ILE B 78 -1.31 -24.00 -5.25
C ILE B 78 -1.83 -22.56 -5.25
N LYS B 79 -3.10 -22.37 -5.60
CA LYS B 79 -3.76 -21.08 -5.45
C LYS B 79 -4.64 -21.10 -4.22
N THR B 80 -4.38 -20.17 -3.30
CA THR B 80 -4.97 -20.22 -1.97
C THR B 80 -5.12 -18.84 -1.35
N SER B 81 -6.01 -18.74 -0.37
CA SER B 81 -6.12 -17.56 0.47
C SER B 81 -5.52 -17.81 1.85
N GLU B 82 -4.86 -18.95 2.02
CA GLU B 82 -4.44 -19.43 3.35
C GLU B 82 -3.11 -18.86 3.83
N PHE B 83 -2.34 -18.25 2.94
CA PHE B 83 -1.01 -17.77 3.30
C PHE B 83 -1.08 -16.61 4.29
N LEU B 84 -0.39 -16.75 5.41
CA LEU B 84 -0.29 -15.65 6.36
C LEU B 84 0.55 -14.53 5.77
N LEU B 85 1.50 -14.88 4.91
CA LEU B 85 2.45 -13.90 4.38
C LEU B 85 3.26 -13.30 5.52
N ILE B 86 3.31 -14.02 6.63
CA ILE B 86 4.07 -13.61 7.81
C ILE B 86 4.83 -14.82 8.35
N GLY B 87 6.14 -14.67 8.47
CA GLY B 87 6.98 -15.74 8.97
C GLY B 87 7.37 -16.68 7.85
N SER B 88 8.28 -17.62 8.13
CA SER B 88 8.79 -18.50 7.10
C SER B 88 8.02 -19.80 7.08
N SER B 89 8.03 -20.46 5.92
CA SER B 89 7.42 -21.76 5.77
C SER B 89 8.47 -22.78 5.39
N ASN B 90 8.23 -24.04 5.73
CA ASN B 90 9.04 -25.14 5.25
C ASN B 90 8.36 -25.75 4.03
N ILE B 91 9.08 -25.77 2.93
CA ILE B 91 8.64 -26.43 1.72
C ILE B 91 9.48 -27.69 1.54
N CYS B 92 8.80 -28.84 1.46
CA CYS B 92 9.46 -30.13 1.49
C CYS B 92 9.09 -30.95 0.26
N VAL B 93 10.11 -31.55 -0.35
CA VAL B 93 9.90 -32.57 -1.36
C VAL B 93 9.79 -33.91 -0.66
N LYS B 94 8.66 -34.58 -0.85
CA LYS B 94 8.37 -35.79 -0.11
C LYS B 94 8.11 -36.97 -1.02
N LEU B 95 8.48 -38.15 -0.53
CA LEU B 95 8.14 -39.41 -1.15
C LEU B 95 7.44 -40.26 -0.09
N GLY B 96 6.13 -40.38 -0.23
CA GLY B 96 5.28 -40.99 0.78
C GLY B 96 5.29 -40.21 2.09
N GLN B 97 6.16 -40.60 3.02
CA GLN B 97 6.26 -39.91 4.30
C GLN B 97 7.68 -39.49 4.57
N LYS B 98 8.56 -39.79 3.61
CA LYS B 98 9.95 -39.41 3.68
C LYS B 98 10.18 -38.02 3.10
N ASN B 99 10.79 -37.14 3.90
CA ASN B 99 11.23 -35.84 3.41
C ASN B 99 12.57 -36.00 2.69
N LEU B 100 12.59 -35.77 1.39
CA LEU B 100 13.83 -35.80 0.62
C LEU B 100 14.64 -34.53 0.85
N THR B 101 13.98 -33.38 0.80
CA THR B 101 14.67 -32.11 1.03
C THR B 101 13.66 -31.05 1.43
N CYS B 102 14.03 -30.30 2.48
CA CYS B 102 13.18 -29.24 2.99
C CYS B 102 13.97 -27.95 3.04
N LYS B 103 13.34 -26.85 2.64
CA LYS B 103 13.95 -25.54 2.76
C LYS B 103 12.98 -24.58 3.43
N ASN B 104 13.51 -23.74 4.32
CA ASN B 104 12.69 -22.75 5.01
C ASN B 104 12.75 -21.43 4.26
N MET B 105 11.59 -20.88 3.94
CA MET B 105 11.54 -19.58 3.27
C MET B 105 10.20 -18.90 3.49
N ALA B 106 10.23 -17.58 3.42
CA ALA B 106 9.04 -16.77 3.63
C ALA B 106 8.41 -16.39 2.31
N ILE B 107 7.10 -16.62 2.21
CA ILE B 107 6.33 -16.32 1.01
C ILE B 107 6.51 -14.85 0.59
N ASN B 108 6.60 -13.97 1.58
CA ASN B 108 6.71 -12.54 1.31
C ASN B 108 8.07 -12.12 0.79
N THR B 109 9.03 -13.04 0.80
CA THR B 109 10.38 -12.75 0.30
C THR B 109 10.70 -13.49 -0.99
N ILE B 110 9.70 -14.16 -1.56
CA ILE B 110 9.85 -14.85 -2.84
C ILE B 110 8.76 -14.40 -3.80
N VAL B 111 8.31 -13.17 -3.65
CA VAL B 111 7.22 -12.68 -4.48
C VAL B 111 7.60 -12.39 -5.92
N LYS B 112 6.93 -13.09 -6.82
CA LYS B 112 7.07 -12.86 -8.25
C LYS B 112 5.99 -11.90 -8.72
N ALA B 113 6.38 -10.80 -9.34
CA ALA B 113 5.41 -9.84 -9.84
C ALA B 113 4.63 -10.47 -10.99
N GLU B 114 3.42 -9.99 -11.23
CA GLU B 114 2.67 -10.40 -12.41
C GLU B 114 3.17 -9.61 -13.60
N ALA B 115 3.31 -10.27 -14.74
CA ALA B 115 3.78 -9.60 -15.94
C ALA B 115 2.76 -8.58 -16.43
N PRO B 116 3.25 -7.44 -16.96
CA PRO B 116 2.33 -6.47 -17.59
C PRO B 116 1.71 -7.00 -18.88
N SER B 117 0.68 -6.31 -19.38
CA SER B 117 -0.05 -6.75 -20.55
C SER B 117 -0.40 -5.54 -21.42
N ASP B 118 -0.92 -5.80 -22.62
CA ASP B 118 -1.33 -4.73 -23.52
C ASP B 118 -0.21 -3.75 -23.87
N LEU B 119 1.00 -4.27 -24.10
CA LEU B 119 2.12 -3.42 -24.52
C LEU B 119 1.84 -2.80 -25.90
N LYS B 120 2.03 -1.49 -26.02
CA LYS B 120 1.70 -0.77 -27.25
C LYS B 120 2.68 0.38 -27.50
N VAL B 121 2.99 0.62 -28.77
CA VAL B 121 3.91 1.69 -29.16
C VAL B 121 3.31 2.54 -30.30
N VAL B 122 3.31 3.85 -30.11
CA VAL B 122 2.81 4.78 -31.12
C VAL B 122 3.85 5.84 -31.44
N TYR B 123 4.12 6.03 -32.74
CA TYR B 123 5.00 7.12 -33.18
C TYR B 123 4.29 8.46 -33.18
N ARG B 124 4.89 9.44 -32.51
CA ARG B 124 4.36 10.80 -32.47
C ARG B 124 5.28 11.75 -33.24
N LYS B 125 4.87 12.09 -34.45
CA LYS B 125 5.70 12.89 -35.36
C LYS B 125 5.95 14.28 -34.80
N GLU B 126 4.91 14.89 -34.23
CA GLU B 126 5.02 16.24 -33.70
C GLU B 126 6.04 16.32 -32.56
N ALA B 127 6.13 15.25 -31.77
CA ALA B 127 7.07 15.20 -30.67
C ALA B 127 8.36 14.51 -31.10
N ASN B 128 8.36 13.95 -32.31
CA ASN B 128 9.49 13.17 -32.81
C ASN B 128 9.96 12.12 -31.80
N ASP B 129 9.01 11.31 -31.32
CA ASP B 129 9.32 10.24 -30.39
C ASP B 129 8.31 9.09 -30.48
N PHE B 130 8.57 8.03 -29.73
CA PHE B 130 7.67 6.89 -29.65
C PHE B 130 7.10 6.82 -28.24
N LEU B 131 5.78 6.81 -28.12
CA LEU B 131 5.12 6.68 -26.83
C LEU B 131 4.76 5.23 -26.52
N VAL B 132 5.31 4.72 -25.42
CA VAL B 132 5.10 3.33 -24.99
C VAL B 132 4.13 3.25 -23.80
N THR B 133 3.08 2.44 -23.94
CA THR B 133 2.10 2.24 -22.85
C THR B 133 1.86 0.75 -22.58
N PHE B 134 1.52 0.44 -21.34
CA PHE B 134 1.15 -0.91 -20.93
C PHE B 134 0.30 -0.86 -19.67
N ASN B 135 -0.33 -1.99 -19.31
CA ASN B 135 -1.18 -2.04 -18.13
C ASN B 135 -0.47 -2.77 -17.00
N ALA B 136 -0.56 -2.20 -15.80
CA ALA B 136 0.09 -2.73 -14.61
C ALA B 136 -0.90 -3.40 -13.68
N PRO B 137 -0.95 -4.74 -13.66
CA PRO B 137 -2.01 -5.43 -12.92
C PRO B 137 -1.97 -5.16 -11.43
N HIS B 138 -0.79 -4.90 -10.86
CA HIS B 138 -0.68 -4.72 -9.42
C HIS B 138 -1.48 -3.52 -8.94
N LEU B 139 -1.69 -2.56 -9.83
CA LEU B 139 -2.40 -1.33 -9.50
C LEU B 139 -3.79 -1.66 -8.99
N LYS B 140 -4.33 -2.76 -9.50
CA LYS B 140 -5.66 -3.23 -9.14
C LYS B 140 -5.63 -4.20 -7.97
N LYS B 141 -4.45 -4.50 -7.44
CA LYS B 141 -4.33 -5.46 -6.35
C LYS B 141 -4.40 -4.76 -4.99
N LYS B 142 -4.46 -5.57 -3.93
CA LYS B 142 -4.73 -5.03 -2.59
C LYS B 142 -3.49 -4.83 -1.74
N TYR B 143 -2.58 -5.80 -1.78
CA TYR B 143 -1.43 -5.82 -0.88
C TYR B 143 -0.21 -5.17 -1.47
N LEU B 144 0.17 -5.61 -2.65
CA LEU B 144 1.31 -5.06 -3.37
C LEU B 144 0.85 -4.25 -4.57
N LYS B 145 0.61 -2.96 -4.34
CA LYS B 145 0.09 -2.09 -5.38
C LYS B 145 1.22 -1.47 -6.20
N LYS B 146 2.40 -1.31 -5.58
CA LYS B 146 3.50 -0.58 -6.21
C LYS B 146 4.61 -1.53 -6.63
N VAL B 147 4.95 -1.52 -7.92
CA VAL B 147 6.06 -2.31 -8.45
C VAL B 147 6.97 -1.44 -9.31
N LYS B 148 8.19 -1.91 -9.53
CA LYS B 148 9.12 -1.24 -10.44
C LYS B 148 9.12 -1.97 -11.79
N HIS B 149 9.05 -1.21 -12.87
CA HIS B 149 9.03 -1.79 -14.22
C HIS B 149 10.37 -1.68 -14.96
N ASP B 150 10.57 -2.62 -15.87
CA ASP B 150 11.78 -2.71 -16.68
C ASP B 150 11.35 -2.88 -18.13
N VAL B 151 11.46 -1.81 -18.91
CA VAL B 151 11.15 -1.86 -20.33
C VAL B 151 12.41 -2.10 -21.14
N ALA B 152 12.35 -3.08 -22.04
CA ALA B 152 13.50 -3.47 -22.86
C ALA B 152 13.15 -3.45 -24.34
N TYR B 153 14.05 -2.90 -25.15
CA TYR B 153 13.86 -2.89 -26.60
C TYR B 153 15.17 -3.05 -27.37
N ARG B 154 15.05 -3.59 -28.58
CA ARG B 154 16.18 -3.70 -29.51
C ARG B 154 15.63 -4.06 -30.89
N PRO B 155 16.46 -3.92 -31.94
CA PRO B 155 16.03 -4.28 -33.29
C PRO B 155 15.60 -5.73 -33.40
N ALA B 156 14.53 -6.00 -34.15
CA ALA B 156 13.94 -7.33 -34.22
C ALA B 156 14.85 -8.33 -34.94
N ARG B 157 15.65 -7.84 -35.87
CA ARG B 157 16.55 -8.69 -36.64
C ARG B 157 17.99 -8.41 -36.23
N GLY B 158 18.79 -9.47 -36.12
CA GLY B 158 20.19 -9.32 -35.78
C GLY B 158 20.46 -9.40 -34.29
N GLU B 159 21.74 -9.32 -33.93
CA GLU B 159 22.18 -9.39 -32.55
C GLU B 159 22.50 -8.00 -32.01
N SER B 160 21.94 -7.66 -30.86
CA SER B 160 22.16 -6.36 -30.24
C SER B 160 21.94 -6.45 -28.73
N ASN B 161 22.66 -5.62 -27.98
CA ASN B 161 22.39 -5.50 -26.55
C ASN B 161 21.09 -4.74 -26.34
N TRP B 162 20.20 -5.31 -25.55
CA TRP B 162 18.93 -4.66 -25.22
C TRP B 162 19.16 -3.31 -24.52
N THR B 163 18.35 -2.33 -24.88
CA THR B 163 18.30 -1.07 -24.13
C THR B 163 17.22 -1.22 -23.09
N HIS B 164 17.53 -0.92 -21.83
CA HIS B 164 16.56 -1.03 -20.75
C HIS B 164 16.13 0.33 -20.21
N VAL B 165 14.85 0.46 -19.89
CA VAL B 165 14.34 1.66 -19.22
C VAL B 165 13.60 1.32 -17.95
N SER B 166 14.01 1.92 -16.84
CA SER B 166 13.37 1.65 -15.56
C SER B 166 12.33 2.73 -15.23
N LEU B 167 11.13 2.28 -14.88
CA LEU B 167 9.99 3.17 -14.64
C LEU B 167 9.27 2.68 -13.40
N PHE B 168 8.47 3.57 -12.80
CA PHE B 168 7.46 3.15 -11.84
C PHE B 168 6.05 3.47 -12.32
N HIS B 169 5.96 4.05 -13.52
CA HIS B 169 4.69 4.40 -14.13
C HIS B 169 4.55 3.70 -15.48
N THR B 170 3.38 3.84 -16.10
CA THR B 170 2.99 3.01 -17.22
C THR B 170 2.94 3.77 -18.55
N ARG B 171 3.60 4.93 -18.60
CA ARG B 171 3.94 5.50 -19.90
C ARG B 171 5.39 5.98 -19.90
N THR B 172 5.98 5.98 -21.08
CA THR B 172 7.30 6.55 -21.31
C THR B 172 7.47 6.92 -22.78
N THR B 173 8.53 7.66 -23.10
CA THR B 173 8.78 8.05 -24.48
C THR B 173 10.19 7.64 -24.90
N ILE B 174 10.35 7.32 -26.18
CA ILE B 174 11.67 7.07 -26.77
C ILE B 174 11.96 8.09 -27.85
N PRO B 175 13.03 8.89 -27.70
CA PRO B 175 13.30 9.86 -28.76
C PRO B 175 13.67 9.18 -30.08
N GLN B 176 13.17 9.74 -31.17
CA GLN B 176 13.40 9.19 -32.51
C GLN B 176 14.88 8.97 -32.79
N ARG B 177 15.69 9.97 -32.41
CA ARG B 177 17.12 9.96 -32.71
C ARG B 177 17.84 8.80 -32.04
N LYS B 178 17.22 8.23 -31.02
CA LYS B 178 17.85 7.13 -30.29
C LYS B 178 17.80 5.84 -31.12
N LEU B 179 16.91 5.81 -32.11
CA LEU B 179 16.70 4.61 -32.92
C LEU B 179 17.14 4.81 -34.36
N ARG B 180 17.52 3.71 -35.02
CA ARG B 180 17.78 3.72 -36.46
C ARG B 180 16.49 3.86 -37.24
N PRO B 181 16.51 4.60 -38.36
CA PRO B 181 15.31 4.76 -39.18
C PRO B 181 15.03 3.57 -40.10
N LYS B 182 13.77 3.43 -40.50
CA LYS B 182 13.36 2.40 -41.44
C LYS B 182 13.75 0.99 -40.96
N ALA B 183 13.55 0.73 -39.67
CA ALA B 183 13.86 -0.58 -39.11
C ALA B 183 12.72 -1.05 -38.21
N MET B 184 12.64 -2.38 -38.02
CA MET B 184 11.65 -2.96 -37.12
C MET B 184 12.28 -3.27 -35.77
N TYR B 185 11.62 -2.84 -34.70
CA TYR B 185 12.09 -3.09 -33.34
C TYR B 185 11.19 -4.08 -32.60
N GLU B 186 11.81 -4.85 -31.70
CA GLU B 186 11.07 -5.67 -30.74
C GLU B 186 11.12 -5.00 -29.37
N ILE B 187 10.03 -5.11 -28.62
CA ILE B 187 9.93 -4.50 -27.31
C ILE B 187 9.08 -5.33 -26.34
N LYS B 188 9.50 -5.34 -25.08
CA LYS B 188 8.82 -6.10 -24.04
C LYS B 188 9.05 -5.44 -22.68
N VAL B 189 8.30 -5.85 -21.68
CA VAL B 189 8.35 -5.24 -20.35
C VAL B 189 8.07 -6.24 -19.23
N ARG B 190 8.74 -6.04 -18.10
CA ARG B 190 8.53 -6.88 -16.92
C ARG B 190 8.53 -6.01 -15.66
N SER B 191 8.16 -6.60 -14.54
CA SER B 191 8.01 -5.86 -13.28
C SER B 191 8.58 -6.64 -12.12
N ILE B 192 8.96 -5.92 -11.06
CA ILE B 192 9.46 -6.55 -9.85
C ILE B 192 8.89 -5.79 -8.65
N PRO B 193 8.63 -6.51 -7.53
CA PRO B 193 8.10 -5.79 -6.37
C PRO B 193 9.00 -4.65 -5.90
N HIS B 194 8.38 -3.57 -5.44
CA HIS B 194 9.09 -2.44 -4.86
C HIS B 194 8.31 -2.00 -3.64
N ASN B 195 8.63 -2.63 -2.51
CA ASN B 195 7.86 -2.51 -1.29
C ASN B 195 8.76 -2.79 -0.11
N ASP B 196 8.53 -2.11 1.00
CA ASP B 196 9.44 -2.21 2.14
C ASP B 196 9.21 -3.51 2.90
N TYR B 197 8.15 -4.23 2.53
CA TYR B 197 7.86 -5.52 3.14
C TYR B 197 7.95 -6.70 2.17
N PHE B 198 7.27 -6.58 1.03
CA PHE B 198 7.29 -7.64 0.02
C PHE B 198 8.48 -7.57 -0.93
N LYS B 199 9.19 -8.68 -1.04
CA LYS B 199 10.38 -8.78 -1.89
C LYS B 199 10.29 -10.05 -2.72
N GLY B 200 11.02 -10.09 -3.83
CA GLY B 200 11.13 -11.32 -4.58
C GLY B 200 11.81 -11.17 -5.93
N PHE B 201 11.08 -11.52 -6.98
CA PHE B 201 11.67 -11.77 -8.29
C PHE B 201 10.97 -11.01 -9.41
N TRP B 202 11.72 -10.79 -10.48
CA TRP B 202 11.20 -10.26 -11.72
C TRP B 202 10.07 -11.11 -12.26
N SER B 203 9.03 -10.45 -12.77
CA SER B 203 7.97 -11.15 -13.48
C SER B 203 8.52 -11.78 -14.74
N GLU B 204 7.72 -12.66 -15.34
CA GLU B 204 7.97 -13.09 -16.70
C GLU B 204 7.90 -11.87 -17.61
N TRP B 205 8.61 -11.92 -18.73
CA TRP B 205 8.48 -10.87 -19.74
C TRP B 205 7.06 -10.87 -20.29
N SER B 206 6.52 -9.68 -20.52
CA SER B 206 5.31 -9.53 -21.30
C SER B 206 5.49 -10.10 -22.70
N PRO B 207 4.38 -10.38 -23.40
CA PRO B 207 4.56 -10.70 -24.81
C PRO B 207 5.27 -9.55 -25.52
N SER B 208 6.12 -9.87 -26.49
CA SER B 208 6.83 -8.84 -27.22
C SER B 208 5.93 -8.18 -28.25
N SER B 209 5.99 -6.85 -28.32
CA SER B 209 5.37 -6.11 -29.41
C SER B 209 6.46 -5.72 -30.40
N THR B 210 6.05 -5.37 -31.61
CA THR B 210 6.97 -4.83 -32.59
C THR B 210 6.45 -3.54 -33.18
N PHE B 211 7.37 -2.68 -33.61
CA PHE B 211 7.02 -1.46 -34.30
C PHE B 211 8.11 -1.10 -35.32
N GLU B 212 7.76 -0.24 -36.27
CA GLU B 212 8.68 0.15 -37.34
C GLU B 212 9.02 1.63 -37.21
N THR B 213 10.27 1.96 -37.52
CA THR B 213 10.71 3.36 -37.48
C THR B 213 10.63 4.03 -38.85
N PRO B 214 10.22 5.31 -38.89
CA PRO B 214 10.10 6.01 -40.17
C PRO B 214 11.44 6.57 -40.65
N GLU B 215 11.43 7.19 -41.83
CA GLU B 215 12.61 7.88 -42.34
C GLU B 215 12.93 9.09 -41.47
N PRO B 216 14.22 9.49 -41.43
CA PRO B 216 14.61 10.64 -40.60
C PRO B 216 14.20 11.98 -41.21
N ASP C 9 -25.05 17.93 4.30
CA ASP C 9 -23.96 17.11 4.86
C ASP C 9 -22.97 18.00 5.61
N VAL C 10 -22.35 17.43 6.64
CA VAL C 10 -21.34 18.11 7.42
C VAL C 10 -19.95 17.67 6.99
N THR C 11 -18.96 18.55 7.09
CA THR C 11 -17.58 18.19 6.78
C THR C 11 -16.64 18.58 7.92
N VAL C 12 -15.65 17.73 8.15
CA VAL C 12 -14.60 17.97 9.15
C VAL C 12 -13.21 17.86 8.53
N VAL C 13 -12.39 18.88 8.72
CA VAL C 13 -11.01 18.80 8.26
C VAL C 13 -10.03 19.23 9.35
N CYS C 14 -9.02 18.40 9.58
CA CYS C 14 -7.96 18.74 10.53
C CYS C 14 -6.75 19.24 9.75
N HIS C 15 -6.54 20.54 9.76
CA HIS C 15 -5.48 21.16 8.98
C HIS C 15 -4.10 21.01 9.62
N ASP C 16 -3.28 20.14 9.05
CA ASP C 16 -1.88 20.04 9.45
C ASP C 16 -1.71 19.76 10.94
N LEU C 17 -2.67 19.07 11.54
CA LEU C 17 -2.64 18.75 12.97
C LEU C 17 -2.54 20.00 13.84
N GLU C 18 -3.03 21.13 13.33
CA GLU C 18 -3.00 22.39 14.06
C GLU C 18 -4.40 22.81 14.50
N THR C 19 -5.35 22.76 13.58
CA THR C 19 -6.72 23.14 13.86
C THR C 19 -7.68 22.11 13.29
N VAL C 20 -8.90 22.12 13.81
CA VAL C 20 -9.98 21.33 13.25
C VAL C 20 -11.10 22.24 12.79
N GLU C 21 -11.52 22.07 11.54
CA GLU C 21 -12.56 22.91 10.95
C GLU C 21 -13.79 22.09 10.62
N VAL C 22 -14.91 22.49 11.18
CA VAL C 22 -16.18 21.80 10.99
C VAL C 22 -17.12 22.72 10.23
N THR C 23 -17.72 22.20 9.16
CA THR C 23 -18.55 23.02 8.28
C THR C 23 -19.89 22.35 8.01
N TRP C 24 -20.95 23.13 8.15
CA TRP C 24 -22.30 22.68 7.89
C TRP C 24 -23.04 23.69 7.02
N GLN C 34 -30.35 27.23 12.77
CA GLN C 34 -29.06 27.56 13.39
C GLN C 34 -28.54 26.37 14.19
N LEU C 35 -27.32 25.96 13.88
CA LEU C 35 -26.68 24.83 14.56
C LEU C 35 -25.62 25.30 15.55
N SER C 36 -25.40 24.50 16.58
CA SER C 36 -24.37 24.78 17.58
C SER C 36 -23.46 23.57 17.78
N LEU C 37 -22.19 23.83 18.06
CA LEU C 37 -21.21 22.76 18.19
C LEU C 37 -20.58 22.79 19.57
N GLU C 38 -20.57 21.64 20.24
CA GLU C 38 -19.80 21.43 21.45
C GLU C 38 -18.71 20.40 21.20
N PHE C 39 -17.63 20.45 21.96
CA PHE C 39 -16.53 19.51 21.78
C PHE C 39 -15.75 19.25 23.06
N ARG C 40 -15.03 18.14 23.08
CA ARG C 40 -14.10 17.86 24.18
C ARG C 40 -13.05 16.87 23.71
N TYR C 41 -11.88 16.93 24.33
CA TYR C 41 -10.87 15.90 24.20
C TYR C 41 -10.87 14.97 25.40
N GLY C 42 -10.87 13.67 25.14
CA GLY C 42 -10.87 12.71 26.22
C GLY C 42 -12.25 12.53 26.82
N THR C 43 -12.31 12.60 28.15
CA THR C 43 -13.55 12.40 28.88
C THR C 43 -13.88 13.61 29.76
N GLY C 44 -13.29 14.76 29.45
CA GLY C 44 -13.56 15.97 30.21
C GLY C 44 -14.93 16.56 29.90
N ALA C 45 -15.12 17.81 30.30
CA ALA C 45 -16.39 18.49 30.11
C ALA C 45 -16.52 19.02 28.70
N LEU C 46 -17.68 18.81 28.08
CA LEU C 46 -17.96 19.40 26.78
C LEU C 46 -17.78 20.91 26.81
N GLN C 47 -17.28 21.46 25.70
CA GLN C 47 -17.04 22.89 25.59
C GLN C 47 -17.60 23.43 24.27
N PRO C 48 -18.01 24.71 24.25
CA PRO C 48 -18.55 25.32 23.03
C PRO C 48 -17.48 25.63 21.99
N CYS C 49 -17.89 25.69 20.72
CA CYS C 49 -17.00 26.10 19.65
C CYS C 49 -16.28 27.41 19.90
N PRO C 50 -14.94 27.42 19.84
CA PRO C 50 -14.23 28.66 20.12
C PRO C 50 -14.39 29.74 19.05
N ARG C 51 -14.69 29.39 17.80
CA ARG C 51 -14.82 30.42 16.77
C ARG C 51 -15.74 30.07 15.59
N TYR C 52 -17.02 30.38 15.72
CA TYR C 52 -17.98 30.09 14.65
C TYR C 52 -17.72 30.89 13.38
N PHE C 53 -18.08 30.32 12.25
CA PHE C 53 -18.25 31.06 10.99
C PHE C 53 -19.70 31.53 10.83
N LEU C 54 -19.92 32.85 10.73
CA LEU C 54 -21.28 33.36 10.69
C LEU C 54 -21.67 34.04 9.37
N SER C 55 -22.96 33.90 9.03
CA SER C 55 -23.55 34.54 7.86
C SER C 55 -23.84 36.02 8.14
N GLY C 56 -24.35 36.71 7.13
CA GLY C 56 -24.70 38.12 7.28
C GLY C 56 -25.87 38.29 8.24
N ALA C 57 -26.78 37.32 8.24
CA ALA C 57 -27.89 37.29 9.18
C ALA C 57 -27.41 36.75 10.52
N GLY C 58 -26.41 35.86 10.44
CA GLY C 58 -25.75 35.34 11.62
C GLY C 58 -25.85 33.85 11.81
N VAL C 59 -26.49 33.14 10.87
CA VAL C 59 -26.62 31.70 11.00
C VAL C 59 -25.23 31.11 10.90
N THR C 60 -24.94 30.14 11.77
CA THR C 60 -23.62 29.53 11.78
C THR C 60 -23.40 28.74 10.50
N SER C 61 -22.16 28.77 10.02
CA SER C 61 -21.78 28.08 8.79
C SER C 61 -20.71 27.04 9.09
N GLY C 62 -20.10 27.13 10.26
CA GLY C 62 -19.02 26.23 10.61
C GLY C 62 -18.33 26.61 11.91
N CYS C 63 -17.26 25.89 12.22
CA CYS C 63 -16.53 26.07 13.45
C CYS C 63 -15.06 25.73 13.28
N ILE C 64 -14.19 26.49 13.95
CA ILE C 64 -12.78 26.14 14.07
C ILE C 64 -12.36 25.97 15.53
N LEU C 65 -11.67 24.87 15.83
CA LEU C 65 -11.21 24.59 17.19
C LEU C 65 -9.78 24.07 17.14
N PRO C 66 -9.09 24.01 18.29
CA PRO C 66 -7.68 23.58 18.23
C PRO C 66 -7.54 22.07 18.08
N ALA C 67 -6.53 21.63 17.35
CA ALA C 67 -6.27 20.20 17.19
C ALA C 67 -5.26 19.70 18.22
N ALA C 68 -5.55 18.54 18.81
CA ALA C 68 -4.61 17.88 19.71
C ALA C 68 -4.07 16.60 19.07
N ARG C 69 -2.77 16.37 19.22
CA ARG C 69 -2.10 15.24 18.60
C ARG C 69 -2.53 13.91 19.21
N ALA C 70 -3.04 13.96 20.43
CA ALA C 70 -3.52 12.77 21.13
C ALA C 70 -4.85 13.03 21.80
N GLY C 71 -5.53 11.96 22.20
CA GLY C 71 -6.83 12.07 22.83
C GLY C 71 -7.93 12.06 21.79
N LEU C 72 -9.12 11.61 22.18
CA LEU C 72 -10.22 11.50 21.24
C LEU C 72 -11.05 12.77 21.22
N LEU C 73 -11.22 13.32 20.02
CA LEU C 73 -12.06 14.49 19.83
C LEU C 73 -13.49 14.05 19.67
N GLU C 74 -14.34 14.44 20.61
CA GLU C 74 -15.76 14.18 20.49
C GLU C 74 -16.43 15.44 19.97
N LEU C 75 -17.26 15.29 18.94
CA LEU C 75 -17.99 16.40 18.35
C LEU C 75 -19.49 16.19 18.53
N ALA C 76 -20.18 17.26 18.92
CA ALA C 76 -21.63 17.24 19.03
C ALA C 76 -22.26 18.48 18.40
N LEU C 77 -22.95 18.27 17.28
CA LEU C 77 -23.60 19.35 16.56
C LEU C 77 -25.11 19.26 16.81
N ARG C 78 -25.69 20.35 17.35
CA ARG C 78 -27.10 20.35 17.75
C ARG C 78 -27.89 21.45 17.06
N ASP C 79 -29.10 21.10 16.63
CA ASP C 79 -29.98 22.03 15.93
C ASP C 79 -30.65 22.97 16.92
N GLY C 80 -31.35 23.97 16.38
CA GLY C 80 -32.14 24.87 17.20
C GLY C 80 -33.22 24.09 17.93
N GLY C 81 -32.90 23.67 19.15
CA GLY C 81 -33.77 22.80 19.92
C GLY C 81 -32.98 21.80 20.72
N GLY C 82 -31.68 21.71 20.42
CA GLY C 82 -30.79 20.84 21.16
C GLY C 82 -30.84 19.40 20.69
N ALA C 83 -31.44 19.17 19.54
CA ALA C 83 -31.55 17.83 18.98
C ALA C 83 -30.27 17.46 18.26
N MET C 84 -29.79 16.23 18.46
CA MET C 84 -28.53 15.81 17.86
C MET C 84 -28.71 15.58 16.36
N VAL C 85 -27.90 16.26 15.57
CA VAL C 85 -27.90 16.09 14.12
C VAL C 85 -26.61 15.44 13.63
N PHE C 86 -25.55 15.52 14.42
CA PHE C 86 -24.28 14.89 14.07
C PHE C 86 -23.41 14.66 15.30
N LYS C 87 -22.82 13.48 15.38
CA LYS C 87 -21.92 13.12 16.46
C LYS C 87 -20.69 12.42 15.87
N ALA C 88 -19.55 12.57 16.53
CA ALA C 88 -18.33 11.88 16.11
C ALA C 88 -17.35 11.72 17.27
N ARG C 89 -16.52 10.69 17.19
CA ARG C 89 -15.48 10.47 18.19
C ARG C 89 -14.28 9.73 17.58
N GLN C 90 -13.24 10.48 17.29
CA GLN C 90 -12.03 9.97 16.66
C GLN C 90 -10.88 10.88 17.07
N ARG C 91 -9.64 10.40 16.93
CA ARG C 91 -8.51 11.31 16.99
C ARG C 91 -8.64 12.42 15.96
N ALA C 92 -8.17 13.60 16.31
CA ALA C 92 -8.20 14.75 15.40
C ALA C 92 -7.50 14.44 14.10
N SER C 93 -6.43 13.67 14.19
CA SER C 93 -5.64 13.30 13.02
C SER C 93 -6.44 12.48 12.02
N ALA C 94 -7.56 11.94 12.47
CA ALA C 94 -8.45 11.14 11.63
C ALA C 94 -8.92 11.94 10.41
N TRP C 95 -9.02 13.25 10.57
CA TRP C 95 -9.51 14.12 9.50
C TRP C 95 -8.38 14.93 8.85
N LEU C 96 -7.15 14.44 8.99
CA LEU C 96 -5.96 15.18 8.58
C LEU C 96 -5.91 15.62 7.12
N LYS C 97 -5.68 16.91 6.93
CA LYS C 97 -5.29 17.44 5.62
C LYS C 97 -3.98 18.21 5.79
N PRO C 98 -2.85 17.64 5.32
CA PRO C 98 -1.56 18.31 5.49
C PRO C 98 -1.46 19.58 4.67
N ARG C 99 -0.54 20.46 5.05
CA ARG C 99 -0.13 21.55 4.18
C ARG C 99 0.64 20.98 3.00
N PRO C 100 0.62 21.66 1.84
CA PRO C 100 1.45 21.18 0.73
C PRO C 100 2.94 21.24 1.06
N PRO C 101 3.77 20.43 0.40
CA PRO C 101 5.23 20.55 0.55
C PRO C 101 5.67 21.98 0.28
N TRP C 102 6.70 22.47 0.96
CA TRP C 102 6.98 23.91 0.91
C TRP C 102 7.60 24.36 -0.41
N ASN C 103 8.59 23.61 -0.89
CA ASN C 103 9.29 24.00 -2.11
C ASN C 103 9.96 22.77 -2.71
N VAL C 104 9.67 22.52 -3.98
CA VAL C 104 10.15 21.33 -4.68
C VAL C 104 11.41 21.61 -5.49
N THR C 105 12.36 20.67 -5.41
CA THR C 105 13.60 20.73 -6.18
C THR C 105 13.72 19.57 -7.16
N LEU C 106 14.22 19.88 -8.35
CA LEU C 106 14.45 18.92 -9.42
C LEU C 106 15.90 18.89 -9.87
N LEU C 107 16.50 17.70 -9.82
CA LEU C 107 17.92 17.53 -10.15
C LEU C 107 18.07 16.43 -11.19
N TRP C 108 18.49 16.80 -12.40
CA TRP C 108 18.86 15.81 -13.40
C TRP C 108 20.07 15.01 -12.93
N THR C 109 19.91 13.69 -12.91
CA THR C 109 21.01 12.78 -12.61
C THR C 109 21.72 12.36 -13.90
N PRO C 110 22.96 11.85 -13.77
CA PRO C 110 23.68 11.31 -14.94
C PRO C 110 23.02 10.07 -15.54
N ASP C 111 22.22 9.37 -14.73
CA ASP C 111 21.51 8.19 -15.19
C ASP C 111 20.53 8.52 -16.31
N GLY C 112 20.12 9.79 -16.38
CA GLY C 112 19.06 10.21 -17.27
C GLY C 112 17.75 10.33 -16.52
N ASP C 113 17.82 10.10 -15.21
CA ASP C 113 16.66 10.21 -14.34
C ASP C 113 16.58 11.61 -13.74
N VAL C 114 15.42 11.93 -13.15
CA VAL C 114 15.24 13.18 -12.41
C VAL C 114 14.93 12.87 -10.95
N THR C 115 15.71 13.46 -10.04
CA THR C 115 15.44 13.32 -8.62
C THR C 115 14.59 14.49 -8.13
N VAL C 116 13.43 14.17 -7.59
CA VAL C 116 12.54 15.18 -7.01
C VAL C 116 12.65 15.11 -5.50
N SER C 117 12.89 16.26 -4.86
CA SER C 117 13.03 16.31 -3.42
C SER C 117 12.28 17.50 -2.81
N TRP C 118 12.01 17.41 -1.51
CA TRP C 118 11.21 18.40 -0.81
C TRP C 118 11.50 18.35 0.69
N PRO C 119 11.16 19.42 1.43
CA PRO C 119 11.35 19.37 2.88
C PRO C 119 10.36 18.45 3.57
N ALA C 120 10.74 17.86 4.69
CA ALA C 120 9.87 16.97 5.45
C ALA C 120 8.81 17.75 6.22
N HIS C 121 7.67 17.12 6.44
CA HIS C 121 6.68 17.63 7.38
C HIS C 121 7.19 17.41 8.80
N SER C 122 6.55 18.05 9.77
CA SER C 122 6.98 17.95 11.15
C SER C 122 6.30 16.79 11.87
N TYR C 123 5.73 15.87 11.09
CA TYR C 123 5.11 14.67 11.63
C TYR C 123 5.17 13.53 10.62
N LEU C 124 5.08 12.30 11.13
CA LEU C 124 5.21 11.11 10.29
C LEU C 124 3.90 10.67 9.66
N GLY C 125 3.97 9.61 8.85
CA GLY C 125 2.80 8.94 8.31
C GLY C 125 2.26 9.50 7.01
N LEU C 126 3.08 10.24 6.28
CA LEU C 126 2.68 10.76 4.98
C LEU C 126 3.43 10.11 3.83
N ASP C 127 2.68 9.80 2.78
CA ASP C 127 3.27 9.52 1.48
C ASP C 127 3.21 10.81 0.69
N TYR C 128 4.07 10.92 -0.29
CA TYR C 128 4.09 12.07 -1.17
C TYR C 128 3.80 11.60 -2.57
N GLU C 129 2.93 12.33 -3.26
CA GLU C 129 2.62 12.00 -4.64
C GLU C 129 3.29 13.03 -5.50
N VAL C 130 4.08 12.53 -6.43
CA VAL C 130 4.79 13.38 -7.38
C VAL C 130 4.22 13.13 -8.77
N GLN C 131 3.76 14.20 -9.41
CA GLN C 131 3.23 14.10 -10.75
C GLN C 131 4.12 14.84 -11.72
N HIS C 132 4.19 14.34 -12.95
CA HIS C 132 4.91 15.02 -14.01
C HIS C 132 4.21 14.86 -15.35
N ARG C 133 4.54 15.76 -16.26
CA ARG C 133 4.10 15.70 -17.65
C ARG C 133 4.96 16.56 -18.56
N GLU C 134 4.91 16.28 -19.86
CA GLU C 134 5.56 17.14 -20.83
C GLU C 134 4.96 18.54 -20.66
N SER C 135 5.78 19.58 -20.74
CA SER C 135 5.30 20.94 -20.48
C SER C 135 4.29 21.38 -21.53
N ASN C 136 4.32 20.73 -22.70
CA ASN C 136 3.35 21.01 -23.75
C ASN C 136 2.04 20.26 -23.53
N ASP C 137 2.06 19.25 -22.67
CA ASP C 137 0.93 18.32 -22.56
C ASP C 137 -0.28 18.92 -21.83
N ASP C 138 -1.37 18.17 -21.84
CA ASP C 138 -2.65 18.57 -21.24
C ASP C 138 -2.69 18.46 -19.72
N GLU C 139 -3.82 18.83 -19.14
CA GLU C 139 -4.07 18.64 -17.70
C GLU C 139 -4.54 17.22 -17.42
N ASP C 140 -4.71 16.43 -18.48
CA ASP C 140 -5.10 15.04 -18.36
C ASP C 140 -3.91 14.11 -18.64
N ALA C 141 -2.72 14.68 -18.71
CA ALA C 141 -1.52 13.93 -19.05
C ALA C 141 -0.56 13.77 -17.87
N TRP C 142 -1.06 13.98 -16.66
CA TRP C 142 -0.22 13.83 -15.48
C TRP C 142 0.06 12.36 -15.18
N GLN C 143 1.35 12.05 -15.02
CA GLN C 143 1.83 10.75 -14.61
C GLN C 143 2.14 10.82 -13.14
N THR C 144 1.83 9.77 -12.37
CA THR C 144 1.99 9.83 -10.92
C THR C 144 2.97 8.77 -10.43
N THR C 145 3.78 9.16 -9.46
CA THR C 145 4.57 8.22 -8.66
C THR C 145 4.48 8.56 -7.18
N SER C 146 4.68 7.57 -6.33
CA SER C 146 4.53 7.75 -4.89
C SER C 146 5.71 7.17 -4.14
N GLY C 147 5.96 7.71 -2.95
CA GLY C 147 6.99 7.20 -2.08
C GLY C 147 6.98 7.95 -0.76
N PRO C 148 7.80 7.50 0.20
CA PRO C 148 7.90 8.17 1.50
C PRO C 148 8.77 9.43 1.39
N CYS C 149 8.81 10.21 2.47
CA CYS C 149 9.67 11.40 2.50
C CYS C 149 11.12 11.00 2.25
N CYS C 150 11.93 11.86 1.63
CA CYS C 150 11.56 13.21 1.22
C CYS C 150 12.02 13.48 -0.22
N ASP C 151 12.24 12.40 -0.94
CA ASP C 151 12.57 12.51 -2.36
C ASP C 151 12.23 11.21 -3.08
N LEU C 152 12.12 11.29 -4.39
CA LEU C 152 11.98 10.10 -5.21
C LEU C 152 12.47 10.37 -6.63
N THR C 153 12.62 9.30 -7.39
CA THR C 153 13.20 9.38 -8.73
C THR C 153 12.17 9.10 -9.81
N VAL C 154 12.21 9.90 -10.87
CA VAL C 154 11.34 9.72 -12.03
C VAL C 154 12.23 9.44 -13.22
N GLY C 155 12.11 8.23 -13.78
CA GLY C 155 12.98 7.80 -14.84
C GLY C 155 12.38 7.88 -16.22
N GLY C 156 13.23 7.70 -17.23
CA GLY C 156 12.78 7.58 -18.59
C GLY C 156 12.37 8.90 -19.22
N LEU C 157 12.77 10.01 -18.61
CA LEU C 157 12.42 11.31 -19.15
C LEU C 157 13.47 11.75 -20.17
N ASP C 158 13.02 12.48 -21.18
CA ASP C 158 13.89 12.98 -22.23
C ASP C 158 14.61 14.24 -21.74
N PRO C 159 15.95 14.27 -21.76
CA PRO C 159 16.68 15.44 -21.24
C PRO C 159 16.49 16.76 -21.98
N VAL C 160 15.97 16.74 -23.20
CA VAL C 160 15.87 17.96 -24.00
C VAL C 160 14.47 18.56 -23.99
N ARG C 161 13.52 17.85 -23.39
CA ARG C 161 12.17 18.36 -23.28
C ARG C 161 11.98 19.01 -21.91
N CYS C 162 11.00 19.91 -21.84
CA CYS C 162 10.65 20.59 -20.61
C CYS C 162 9.52 19.85 -19.92
N TYR C 163 9.65 19.65 -18.62
CA TYR C 163 8.61 18.99 -17.84
C TYR C 163 8.08 19.87 -16.72
N ASP C 164 6.79 19.74 -16.46
CA ASP C 164 6.15 20.33 -15.28
C ASP C 164 6.09 19.28 -14.17
N PHE C 165 6.41 19.70 -12.95
CA PHE C 165 6.27 18.83 -11.78
C PHE C 165 5.41 19.48 -10.70
N ARG C 166 4.62 18.67 -10.00
CA ARG C 166 3.91 19.15 -8.82
C ARG C 166 3.82 18.04 -7.79
N VAL C 167 3.67 18.43 -6.51
CA VAL C 167 3.69 17.48 -5.41
C VAL C 167 2.58 17.78 -4.41
N ARG C 168 2.04 16.73 -3.80
CA ARG C 168 1.18 16.89 -2.65
C ARG C 168 1.50 15.81 -1.63
N ALA C 169 1.16 16.06 -0.37
CA ALA C 169 1.33 15.08 0.67
C ALA C 169 0.01 14.35 0.88
N SER C 170 0.08 13.03 1.00
CA SER C 170 -1.09 12.18 1.10
C SER C 170 -0.96 11.30 2.33
N PRO C 171 -1.80 11.52 3.35
CA PRO C 171 -1.72 10.68 4.55
C PRO C 171 -1.94 9.21 4.29
N ARG C 172 -1.07 8.35 4.84
CA ARG C 172 -1.21 6.93 4.65
C ARG C 172 -2.46 6.39 5.34
N ALA C 173 -3.23 5.62 4.59
CA ALA C 173 -4.49 5.07 5.09
C ALA C 173 -4.24 4.26 6.35
N ALA C 174 -3.24 3.41 6.33
CA ALA C 174 -2.95 2.56 7.46
C ALA C 174 -2.45 3.37 8.66
N HIS C 175 -1.96 4.57 8.39
CA HIS C 175 -1.39 5.39 9.44
C HIS C 175 -2.45 6.30 10.10
N TYR C 176 -3.27 6.94 9.28
CA TYR C 176 -4.23 7.94 9.75
C TYR C 176 -5.68 7.53 9.52
N GLY C 177 -5.89 6.52 8.69
CA GLY C 177 -7.22 6.05 8.37
C GLY C 177 -7.75 6.61 7.07
N LEU C 178 -8.97 6.23 6.75
CA LEU C 178 -9.54 6.51 5.43
C LEU C 178 -10.25 7.86 5.40
N GLU C 179 -10.33 8.53 6.55
CA GLU C 179 -10.99 9.82 6.64
C GLU C 179 -10.02 10.98 6.43
N ALA C 180 -8.73 10.68 6.40
CA ALA C 180 -7.70 11.65 6.07
C ALA C 180 -7.71 12.01 4.59
N GLN C 181 -7.07 13.12 4.23
CA GLN C 181 -7.04 13.55 2.82
C GLN C 181 -5.72 14.20 2.43
N PRO C 182 -5.40 14.16 1.13
CA PRO C 182 -4.12 14.74 0.71
C PRO C 182 -4.14 16.26 0.70
N SER C 183 -2.96 16.88 0.83
CA SER C 183 -2.84 18.32 0.71
C SER C 183 -3.15 18.78 -0.70
N GLU C 184 -3.28 20.09 -0.88
CA GLU C 184 -3.32 20.68 -2.22
C GLU C 184 -1.97 20.47 -2.90
N TRP C 185 -1.97 20.48 -4.23
CA TRP C 185 -0.74 20.38 -4.99
C TRP C 185 0.10 21.64 -4.81
N THR C 186 1.42 21.48 -4.81
CA THR C 186 2.34 22.60 -4.88
C THR C 186 2.21 23.29 -6.23
N ALA C 187 2.62 24.55 -6.31
CA ALA C 187 2.73 25.24 -7.58
C ALA C 187 3.65 24.50 -8.55
#